data_7K5V
#
_entry.id   7K5V
#
_cell.length_a   122.922
_cell.length_b   122.922
_cell.length_c   161.143
_cell.angle_alpha   90.000
_cell.angle_beta   90.000
_cell.angle_gamma   120.000
#
_symmetry.space_group_name_H-M   'P 65 2 2'
#
loop_
_entity.id
_entity.type
_entity.pdbx_description
1 polymer Beta-lactamase
2 non-polymer 'NAPHTHALENE-2,6-DISULFONIC ACID'
3 non-polymer 'CHLORIDE ION'
4 non-polymer 'SODIUM ION'
5 non-polymer 1,2-ETHANEDIOL
#
_entity_poly.entity_id   1
_entity_poly.type   'polypeptide(L)'
_entity_poly.pdbx_seq_one_letter_code
;GHMWQENKSWNAHFTEHKSQGVVVLWNENKQQGFTNNLKRANQAFLPASTF(KCX)IPNSLIALDLGVVKDEHQVFKWDG
QTRDIATWNRDHNLITAMKYSVVPVYQEFARQIGEARMSKMLHAFDYGNEDISGNVDSFWLDGGIRISATEQISFLRKLY
HNKLHVSERSQRIVKQAMLTEANGDYIIRAKTGYSTRIEPKIGWWVGWVELDDNVWFFAMNMDMPTSDGLGLRQAITKEV
LKQEKIIP
;
_entity_poly.pdbx_strand_id   A,B
#
loop_
_chem_comp.id
_chem_comp.type
_chem_comp.name
_chem_comp.formula
BIH non-polymer 'NAPHTHALENE-2,6-DISULFONIC ACID' 'C10 H8 O6 S2'
CL non-polymer 'CHLORIDE ION' 'Cl -1'
EDO non-polymer 1,2-ETHANEDIOL 'C2 H6 O2'
NA non-polymer 'SODIUM ION' 'Na 1'
#
# COMPACT_ATOMS: atom_id res chain seq x y z
N MET A 3 -12.47 27.62 -5.43
CA MET A 3 -12.46 26.39 -4.65
C MET A 3 -13.17 25.26 -5.39
N TRP A 4 -14.48 25.40 -5.57
CA TRP A 4 -15.27 24.43 -6.31
C TRP A 4 -15.58 24.97 -7.70
N GLN A 5 -15.36 24.14 -8.71
CA GLN A 5 -15.67 24.46 -10.10
C GLN A 5 -16.45 23.31 -10.70
N GLU A 6 -17.51 23.64 -11.44
CA GLU A 6 -18.43 22.65 -11.97
C GLU A 6 -18.07 22.29 -13.41
N ASN A 7 -18.17 20.99 -13.72
CA ASN A 7 -17.84 20.48 -15.04
C ASN A 7 -18.88 19.42 -15.39
N LYS A 8 -19.89 19.81 -16.15
CA LYS A 8 -20.96 18.89 -16.54
C LYS A 8 -20.55 17.96 -17.67
N SER A 9 -19.36 18.14 -18.22
CA SER A 9 -18.79 17.18 -19.17
C SER A 9 -18.93 15.74 -18.69
N TRP A 10 -18.79 15.52 -17.38
CA TRP A 10 -18.71 14.16 -16.84
C TRP A 10 -20.05 13.43 -16.89
N ASN A 11 -21.17 14.15 -17.10
CA ASN A 11 -22.47 13.49 -17.15
C ASN A 11 -22.55 12.46 -18.26
N ALA A 12 -21.83 12.68 -19.36
CA ALA A 12 -21.84 11.73 -20.47
C ALA A 12 -21.41 10.34 -20.01
N HIS A 13 -20.44 10.27 -19.09
CA HIS A 13 -20.02 8.98 -18.56
C HIS A 13 -21.13 8.31 -17.75
N PHE A 14 -21.97 9.10 -17.08
CA PHE A 14 -23.13 8.55 -16.39
C PHE A 14 -24.27 8.26 -17.36
N THR A 15 -24.46 9.13 -18.36
CA THR A 15 -25.50 8.92 -19.36
C THR A 15 -25.23 7.68 -20.19
N GLU A 16 -23.97 7.46 -20.54
CA GLU A 16 -23.59 6.32 -21.39
C GLU A 16 -24.06 4.99 -20.81
N HIS A 17 -24.10 4.88 -19.48
CA HIS A 17 -24.45 3.64 -18.80
C HIS A 17 -25.84 3.69 -18.16
N LYS A 18 -26.74 4.54 -18.68
CA LYS A 18 -28.14 4.57 -18.23
C LYS A 18 -28.26 5.01 -16.78
N SER A 19 -27.38 5.91 -16.34
CA SER A 19 -27.25 6.16 -14.92
C SER A 19 -27.15 7.65 -14.64
N GLN A 20 -27.14 7.98 -13.34
CA GLN A 20 -27.02 9.34 -12.83
C GLN A 20 -26.21 9.29 -11.54
N GLY A 21 -25.28 10.22 -11.39
CA GLY A 21 -24.48 10.24 -10.19
C GLY A 21 -23.69 11.53 -10.08
N VAL A 22 -22.77 11.54 -9.12
CA VAL A 22 -21.88 12.66 -8.89
C VAL A 22 -20.48 12.11 -8.61
N VAL A 23 -19.48 12.76 -9.17
CA VAL A 23 -18.09 12.52 -8.82
C VAL A 23 -17.51 13.82 -8.31
N VAL A 24 -16.78 13.76 -7.20
CA VAL A 24 -16.13 14.92 -6.60
C VAL A 24 -14.64 14.65 -6.57
N LEU A 25 -13.86 15.57 -7.14
CA LEU A 25 -12.42 15.48 -7.15
C LEU A 25 -11.82 16.67 -6.40
N TRP A 26 -10.75 16.42 -5.65
CA TRP A 26 -10.03 17.47 -4.95
C TRP A 26 -8.55 17.35 -5.27
N ASN A 27 -7.97 18.43 -5.79
CA ASN A 27 -6.54 18.49 -6.08
C ASN A 27 -5.83 19.07 -4.87
N GLU A 28 -5.10 18.22 -4.16
CA GLU A 28 -4.53 18.63 -2.87
C GLU A 28 -3.52 19.75 -3.03
N ASN A 29 -2.64 19.64 -4.03
CA ASN A 29 -1.59 20.65 -4.21
C ASN A 29 -2.18 22.03 -4.47
N LYS A 30 -3.16 22.12 -5.38
CA LYS A 30 -3.70 23.42 -5.77
C LYS A 30 -4.95 23.81 -5.00
N GLN A 31 -5.42 22.95 -4.09
CA GLN A 31 -6.56 23.26 -3.21
C GLN A 31 -7.79 23.65 -4.02
N GLN A 32 -8.01 22.96 -5.13
CA GLN A 32 -9.13 23.21 -6.03
C GLN A 32 -9.96 21.95 -6.19
N GLY A 33 -11.28 22.10 -6.19
CA GLY A 33 -12.19 20.99 -6.31
C GLY A 33 -12.98 21.03 -7.62
N PHE A 34 -13.50 19.85 -7.98
CA PHE A 34 -14.20 19.69 -9.24
C PHE A 34 -15.34 18.68 -9.06
N THR A 35 -16.45 18.92 -9.76
CA THR A 35 -17.59 18.02 -9.71
C THR A 35 -18.50 18.31 -10.89
N ASN A 36 -19.32 17.31 -11.24
CA ASN A 36 -20.31 17.45 -12.30
C ASN A 36 -21.66 17.92 -11.79
N ASN A 37 -21.84 18.04 -10.46
CA ASN A 37 -23.15 18.37 -9.90
C ASN A 37 -22.90 18.91 -8.49
N LEU A 38 -22.82 20.23 -8.37
CA LEU A 38 -22.55 20.87 -7.09
C LEU A 38 -23.62 20.52 -6.06
N LYS A 39 -24.89 20.48 -6.48
CA LYS A 39 -25.96 20.21 -5.53
C LYS A 39 -25.85 18.80 -4.97
N ARG A 40 -25.72 17.81 -5.86
CA ARG A 40 -25.63 16.42 -5.39
C ARG A 40 -24.34 16.16 -4.63
N ALA A 41 -23.27 16.90 -4.95
CA ALA A 41 -22.02 16.76 -4.21
C ALA A 41 -22.18 17.09 -2.74
N ASN A 42 -23.21 17.85 -2.37
CA ASN A 42 -23.43 18.26 -0.99
C ASN A 42 -24.70 17.68 -0.38
N GLN A 43 -25.35 16.75 -1.08
CA GLN A 43 -26.50 16.05 -0.52
C GLN A 43 -26.03 14.83 0.25
N ALA A 44 -26.60 14.64 1.43
CA ALA A 44 -26.14 13.62 2.37
C ALA A 44 -26.89 12.32 2.18
N PHE A 45 -26.16 11.22 2.09
CA PHE A 45 -26.73 9.89 1.91
C PHE A 45 -26.21 8.97 3.00
N LEU A 46 -26.84 7.81 3.12
CA LEU A 46 -26.34 6.79 4.02
C LEU A 46 -24.94 6.39 3.60
N PRO A 47 -23.97 6.31 4.52
CA PRO A 47 -22.61 5.96 4.10
C PRO A 47 -22.50 4.53 3.60
N ALA A 48 -23.36 3.63 4.06
CA ALA A 48 -23.23 2.20 3.82
C ALA A 48 -21.82 1.75 4.16
N SER A 49 -21.26 0.82 3.40
CA SER A 49 -20.01 0.19 3.79
C SER A 49 -18.79 1.13 3.68
N THR A 50 -18.93 2.35 3.15
CA THR A 50 -17.82 3.29 3.31
C THR A 50 -17.65 3.73 4.76
N PHE A 51 -18.61 3.42 5.63
CA PHE A 51 -18.48 3.69 7.04
C PHE A 51 -17.44 2.77 7.67
N KCX A 52 -16.97 1.79 6.90
CA KCX A 52 -15.95 0.87 7.39
CB KCX A 52 -15.74 -0.28 6.40
CG KCX A 52 -16.83 -1.34 6.54
CD KCX A 52 -16.62 -2.55 5.65
CE KCX A 52 -17.70 -3.60 5.93
NZ KCX A 52 -19.08 -3.16 5.57
C KCX A 52 -14.64 1.59 7.66
O KCX A 52 -13.82 1.13 8.44
CX KCX A 52 -19.90 -2.59 6.44
OQ1 KCX A 52 -19.55 -2.39 7.61
OQ2 KCX A 52 -21.04 -2.24 6.08
N ILE A 53 -14.45 2.75 7.02
CA ILE A 53 -13.24 3.54 7.25
C ILE A 53 -13.26 4.13 8.67
N PRO A 54 -14.28 4.91 9.05
CA PRO A 54 -14.33 5.36 10.45
C PRO A 54 -14.47 4.21 11.44
N ASN A 55 -15.23 3.17 11.09
CA ASN A 55 -15.42 2.04 11.98
C ASN A 55 -14.08 1.39 12.34
N SER A 56 -13.22 1.19 11.35
CA SER A 56 -11.93 0.56 11.60
C SER A 56 -11.05 1.44 12.48
N LEU A 57 -11.02 2.75 12.18
CA LEU A 57 -10.26 3.68 13.01
C LEU A 57 -10.71 3.60 14.47
N ILE A 58 -12.02 3.53 14.70
CA ILE A 58 -12.54 3.47 16.07
C ILE A 58 -12.17 2.14 16.73
N ALA A 59 -12.38 1.04 16.01
CA ALA A 59 -12.10 -0.29 16.59
C ALA A 59 -10.63 -0.44 16.93
N LEU A 60 -9.74 0.06 16.08
CA LEU A 60 -8.30 -0.05 16.34
C LEU A 60 -7.89 0.81 17.53
N ASP A 61 -8.38 2.06 17.57
CA ASP A 61 -8.00 2.99 18.63
C ASP A 61 -8.44 2.48 20.00
N LEU A 62 -9.61 1.86 20.07
CA LEU A 62 -10.14 1.36 21.33
C LEU A 62 -9.62 -0.03 21.68
N GLY A 63 -8.88 -0.68 20.79
CA GLY A 63 -8.34 -1.99 21.07
C GLY A 63 -9.26 -3.15 20.74
N VAL A 64 -10.45 -2.89 20.19
CA VAL A 64 -11.31 -3.98 19.74
C VAL A 64 -10.57 -4.83 18.71
N VAL A 65 -9.76 -4.18 17.88
CA VAL A 65 -8.88 -4.84 16.92
C VAL A 65 -7.46 -4.40 17.23
N LYS A 66 -6.60 -5.36 17.56
CA LYS A 66 -5.25 -5.01 17.99
C LYS A 66 -4.35 -4.65 16.80
N ASP A 67 -4.45 -5.39 15.70
CA ASP A 67 -3.72 -5.03 14.49
C ASP A 67 -4.40 -5.69 13.29
N GLU A 68 -3.76 -5.58 12.12
CA GLU A 68 -4.33 -6.05 10.87
C GLU A 68 -4.07 -7.53 10.62
N HIS A 69 -3.55 -8.27 11.61
CA HIS A 69 -3.39 -9.71 11.49
C HIS A 69 -4.37 -10.49 12.35
N GLN A 70 -4.99 -9.85 13.33
CA GLN A 70 -5.95 -10.53 14.19
C GLN A 70 -7.06 -11.14 13.37
N VAL A 71 -7.38 -12.40 13.65
CA VAL A 71 -8.31 -13.17 12.83
C VAL A 71 -9.67 -13.15 13.49
N PHE A 72 -10.68 -12.72 12.74
CA PHE A 72 -12.07 -12.75 13.15
C PHE A 72 -12.70 -13.96 12.48
N LYS A 73 -12.92 -15.02 13.26
CA LYS A 73 -13.32 -16.29 12.69
C LYS A 73 -14.79 -16.27 12.27
N TRP A 74 -15.06 -16.90 11.13
CA TRP A 74 -16.42 -17.05 10.63
C TRP A 74 -17.32 -17.67 11.69
N ASP A 75 -18.54 -17.14 11.81
CA ASP A 75 -19.47 -17.68 12.79
C ASP A 75 -20.19 -18.93 12.28
N GLY A 76 -20.00 -19.31 11.03
CA GLY A 76 -20.57 -20.54 10.51
C GLY A 76 -21.88 -20.39 9.78
N GLN A 77 -22.54 -19.24 9.87
CA GLN A 77 -23.79 -19.03 9.15
C GLN A 77 -23.50 -18.61 7.72
N THR A 78 -24.00 -19.40 6.77
CA THR A 78 -23.71 -19.18 5.36
C THR A 78 -24.57 -18.04 4.82
N ARG A 79 -23.93 -16.99 4.34
CA ARG A 79 -24.60 -15.81 3.82
C ARG A 79 -24.49 -15.76 2.29
N ASP A 80 -25.20 -14.80 1.71
CA ASP A 80 -25.35 -14.74 0.26
C ASP A 80 -24.01 -14.46 -0.43
N ILE A 81 -23.23 -13.54 0.12
CA ILE A 81 -21.93 -13.19 -0.45
C ILE A 81 -20.91 -14.23 -0.01
N ALA A 82 -20.43 -15.04 -0.96
CA ALA A 82 -19.62 -16.21 -0.62
C ALA A 82 -18.32 -15.84 0.06
N THR A 83 -17.70 -14.72 -0.32
CA THR A 83 -16.43 -14.34 0.30
C THR A 83 -16.58 -13.96 1.77
N TRP A 84 -17.81 -13.73 2.24
CA TRP A 84 -18.03 -13.48 3.66
C TRP A 84 -17.99 -14.76 4.50
N ASN A 85 -18.10 -15.93 3.88
CA ASN A 85 -18.24 -17.18 4.62
C ASN A 85 -16.87 -17.83 4.86
N ARG A 86 -16.00 -17.07 5.52
CA ARG A 86 -14.66 -17.54 5.84
C ARG A 86 -14.06 -16.62 6.89
N ASP A 87 -12.94 -17.06 7.47
CA ASP A 87 -12.21 -16.23 8.41
C ASP A 87 -11.63 -15.01 7.72
N HIS A 88 -11.52 -13.91 8.46
CA HIS A 88 -11.06 -12.66 7.90
C HIS A 88 -10.17 -11.93 8.89
N ASN A 89 -9.21 -11.17 8.37
CA ASN A 89 -8.56 -10.11 9.12
C ASN A 89 -9.02 -8.78 8.56
N LEU A 90 -8.48 -7.69 9.13
CA LEU A 90 -8.97 -6.36 8.76
C LEU A 90 -8.72 -6.04 7.30
N ILE A 91 -7.59 -6.51 6.76
CA ILE A 91 -7.30 -6.29 5.34
C ILE A 91 -8.40 -6.90 4.47
N THR A 92 -8.57 -8.22 4.59
CA THR A 92 -9.56 -8.90 3.74
C THR A 92 -10.99 -8.51 4.11
N ALA A 93 -11.25 -8.24 5.39
CA ALA A 93 -12.59 -7.80 5.79
C ALA A 93 -13.01 -6.54 5.04
N MET A 94 -12.11 -5.55 4.99
CA MET A 94 -12.46 -4.33 4.27
C MET A 94 -12.46 -4.53 2.77
N LYS A 95 -11.51 -5.33 2.26
CA LYS A 95 -11.42 -5.59 0.82
C LYS A 95 -12.73 -6.17 0.29
N TYR A 96 -13.41 -7.01 1.08
CA TYR A 96 -14.61 -7.69 0.65
C TYR A 96 -15.88 -7.15 1.29
N SER A 97 -15.79 -6.05 2.04
CA SER A 97 -16.95 -5.44 2.70
C SER A 97 -17.72 -6.46 3.54
N VAL A 98 -17.00 -7.14 4.44
CA VAL A 98 -17.62 -8.21 5.21
C VAL A 98 -18.41 -7.59 6.36
N VAL A 99 -19.70 -7.36 6.11
CA VAL A 99 -20.54 -6.68 7.10
C VAL A 99 -20.57 -7.39 8.45
N PRO A 100 -20.74 -8.72 8.53
CA PRO A 100 -20.77 -9.36 9.86
C PRO A 100 -19.59 -8.99 10.74
N VAL A 101 -18.39 -8.89 10.15
CA VAL A 101 -17.20 -8.57 10.92
C VAL A 101 -17.30 -7.17 11.53
N TYR A 102 -17.81 -6.21 10.76
CA TYR A 102 -17.94 -4.86 11.28
C TYR A 102 -19.17 -4.68 12.15
N GLN A 103 -20.11 -5.62 12.10
CA GLN A 103 -21.25 -5.57 13.01
C GLN A 103 -20.85 -5.94 14.43
N GLU A 104 -19.93 -6.91 14.59
CA GLU A 104 -19.46 -7.20 15.94
C GLU A 104 -18.53 -6.11 16.46
N PHE A 105 -17.77 -5.47 15.56
CA PHE A 105 -17.01 -4.28 15.96
C PHE A 105 -17.93 -3.26 16.61
N ALA A 106 -19.01 -2.92 15.92
CA ALA A 106 -19.94 -1.90 16.43
C ALA A 106 -20.53 -2.30 17.77
N ARG A 107 -20.78 -3.60 17.97
CA ARG A 107 -21.32 -4.05 19.24
C ARG A 107 -20.34 -3.82 20.38
N GLN A 108 -19.04 -4.11 20.15
CA GLN A 108 -18.05 -3.88 21.19
C GLN A 108 -17.83 -2.40 21.44
N ILE A 109 -17.87 -1.58 20.37
CA ILE A 109 -17.68 -0.14 20.53
C ILE A 109 -18.83 0.44 21.34
N GLY A 110 -20.04 0.05 21.02
CA GLY A 110 -21.20 0.50 21.78
C GLY A 110 -21.64 1.90 21.39
N GLU A 111 -22.90 2.19 21.74
CA GLU A 111 -23.53 3.43 21.30
C GLU A 111 -22.76 4.66 21.77
N ALA A 112 -22.33 4.66 23.04
CA ALA A 112 -21.72 5.85 23.62
C ALA A 112 -20.41 6.20 22.93
N ARG A 113 -19.50 5.21 22.80
CA ARG A 113 -18.19 5.50 22.24
C ARG A 113 -18.25 5.79 20.75
N MET A 114 -19.14 5.09 20.04
CA MET A 114 -19.33 5.39 18.62
C MET A 114 -19.78 6.82 18.41
N SER A 115 -20.79 7.26 19.17
CA SER A 115 -21.27 8.63 19.08
C SER A 115 -20.18 9.63 19.42
N LYS A 116 -19.40 9.34 20.47
CA LYS A 116 -18.32 10.25 20.88
C LYS A 116 -17.26 10.38 19.81
N MET A 117 -16.89 9.25 19.18
CA MET A 117 -15.84 9.27 18.16
C MET A 117 -16.30 10.02 16.92
N LEU A 118 -17.52 9.75 16.46
CA LEU A 118 -18.03 10.40 15.25
C LEU A 118 -18.12 11.91 15.45
N HIS A 119 -18.48 12.35 16.66
CA HIS A 119 -18.47 13.78 16.97
C HIS A 119 -17.08 14.37 16.80
N ALA A 120 -16.06 13.69 17.32
CA ALA A 120 -14.69 14.17 17.20
C ALA A 120 -14.19 14.07 15.76
N PHE A 121 -14.66 13.07 15.01
CA PHE A 121 -14.31 12.97 13.60
C PHE A 121 -14.98 14.04 12.74
N ASP A 122 -16.01 14.71 13.26
CA ASP A 122 -16.81 15.65 12.47
C ASP A 122 -17.49 14.93 11.29
N TYR A 123 -17.73 13.63 11.46
CA TYR A 123 -18.17 12.75 10.37
C TYR A 123 -19.66 12.96 10.10
N GLY A 124 -19.98 13.41 8.89
CA GLY A 124 -21.36 13.54 8.48
C GLY A 124 -22.17 14.35 9.46
N ASN A 125 -23.39 13.87 9.74
CA ASN A 125 -24.23 14.51 10.73
C ASN A 125 -24.03 13.95 12.14
N GLU A 126 -23.03 13.09 12.33
CA GLU A 126 -22.60 12.61 13.64
C GLU A 126 -23.70 11.85 14.39
N ASP A 127 -24.69 11.34 13.67
CA ASP A 127 -25.89 10.77 14.27
C ASP A 127 -25.85 9.25 14.13
N ILE A 128 -25.93 8.54 15.25
CA ILE A 128 -25.94 7.09 15.23
C ILE A 128 -27.32 6.53 15.59
N SER A 129 -28.38 7.31 15.38
CA SER A 129 -29.73 6.83 15.62
C SER A 129 -29.98 5.56 14.83
N GLY A 130 -30.79 4.69 15.40
CA GLY A 130 -31.05 3.38 14.85
C GLY A 130 -30.31 2.29 15.60
N ASN A 131 -30.08 1.20 14.90
CA ASN A 131 -29.51 -0.01 15.50
C ASN A 131 -28.00 0.12 15.65
N VAL A 132 -27.50 -0.43 16.77
CA VAL A 132 -26.09 -0.27 17.12
C VAL A 132 -25.19 -0.84 16.03
N ASP A 133 -25.59 -1.96 15.41
CA ASP A 133 -24.74 -2.67 14.46
C ASP A 133 -25.26 -2.57 13.03
N SER A 134 -26.08 -1.57 12.72
CA SER A 134 -26.58 -1.42 11.36
C SER A 134 -26.91 0.02 10.99
N PHE A 135 -26.55 1.02 11.82
CA PHE A 135 -27.04 2.37 11.61
C PHE A 135 -26.45 3.01 10.35
N TRP A 136 -25.24 2.60 9.95
CA TRP A 136 -24.69 3.11 8.71
C TRP A 136 -25.36 2.53 7.48
N LEU A 137 -26.17 1.48 7.65
CA LEU A 137 -26.90 0.87 6.54
C LEU A 137 -28.39 1.24 6.53
N ASP A 138 -28.96 1.55 7.69
CA ASP A 138 -30.40 1.87 7.71
C ASP A 138 -30.80 2.78 8.87
N GLY A 139 -29.87 3.48 9.50
CA GLY A 139 -30.16 4.41 10.57
C GLY A 139 -30.17 5.84 10.10
N GLY A 140 -29.90 6.76 11.04
CA GLY A 140 -30.00 8.18 10.76
C GLY A 140 -28.75 8.90 10.31
N ILE A 141 -27.62 8.20 10.15
CA ILE A 141 -26.38 8.88 9.77
C ILE A 141 -26.42 9.23 8.29
N ARG A 142 -25.90 10.41 7.96
CA ARG A 142 -25.89 10.91 6.60
C ARG A 142 -24.56 11.61 6.35
N ILE A 143 -24.09 11.54 5.11
CA ILE A 143 -22.83 12.17 4.74
C ILE A 143 -22.87 12.50 3.25
N SER A 144 -22.37 13.69 2.90
CA SER A 144 -22.28 14.10 1.52
C SER A 144 -20.93 13.69 0.95
N ALA A 145 -20.82 13.76 -0.38
CA ALA A 145 -19.57 13.41 -1.03
C ALA A 145 -18.44 14.37 -0.65
N THR A 146 -18.75 15.66 -0.58
CA THR A 146 -17.74 16.63 -0.13
C THR A 146 -17.36 16.38 1.33
N GLU A 147 -18.34 16.03 2.16
CA GLU A 147 -18.03 15.70 3.55
C GLU A 147 -17.15 14.47 3.64
N GLN A 148 -17.29 13.52 2.71
CA GLN A 148 -16.38 12.39 2.66
C GLN A 148 -14.96 12.84 2.35
N ILE A 149 -14.81 13.83 1.48
CA ILE A 149 -13.48 14.31 1.11
C ILE A 149 -12.84 15.05 2.28
N SER A 150 -13.63 15.86 3.01
CA SER A 150 -13.12 16.51 4.21
C SER A 150 -12.59 15.50 5.21
N PHE A 151 -13.38 14.46 5.49
CA PHE A 151 -12.95 13.38 6.38
C PHE A 151 -11.71 12.69 5.83
N LEU A 152 -11.72 12.35 4.53
CA LEU A 152 -10.61 11.62 3.95
C LEU A 152 -9.32 12.44 3.98
N ARG A 153 -9.41 13.75 3.79
CA ARG A 153 -8.22 14.59 3.83
C ARG A 153 -7.62 14.61 5.23
N LYS A 154 -8.48 14.60 6.26
CA LYS A 154 -7.97 14.47 7.63
C LYS A 154 -7.23 13.15 7.81
N LEU A 155 -7.80 12.06 7.29
CA LEU A 155 -7.17 10.75 7.42
C LEU A 155 -5.83 10.71 6.69
N TYR A 156 -5.77 11.26 5.48
CA TYR A 156 -4.52 11.25 4.73
C TYR A 156 -3.40 11.94 5.49
N HIS A 157 -3.71 13.06 6.15
CA HIS A 157 -2.71 13.84 6.87
C HIS A 157 -2.56 13.46 8.33
N ASN A 158 -3.11 12.30 8.74
CA ASN A 158 -3.01 11.82 10.11
C ASN A 158 -3.55 12.83 11.12
N LYS A 159 -4.57 13.59 10.74
CA LYS A 159 -5.09 14.66 11.58
C LYS A 159 -6.32 14.28 12.39
N LEU A 160 -6.93 13.12 12.10
CA LEU A 160 -8.07 12.68 12.89
C LEU A 160 -7.66 12.42 14.32
N HIS A 161 -8.64 12.42 15.23
CA HIS A 161 -8.32 12.48 16.65
C HIS A 161 -7.72 11.19 17.18
N VAL A 162 -7.84 10.08 16.45
CA VAL A 162 -7.28 8.81 16.90
C VAL A 162 -5.78 8.80 16.65
N SER A 163 -5.11 7.76 17.14
CA SER A 163 -3.66 7.69 17.08
C SER A 163 -3.17 7.65 15.62
N GLU A 164 -1.92 8.07 15.42
CA GLU A 164 -1.31 7.97 14.10
C GLU A 164 -1.26 6.53 13.62
N ARG A 165 -1.05 5.59 14.56
CA ARG A 165 -0.96 4.18 14.21
C ARG A 165 -2.28 3.67 13.65
N SER A 166 -3.39 3.98 14.32
CA SER A 166 -4.71 3.61 13.81
C SER A 166 -4.92 4.13 12.39
N GLN A 167 -4.50 5.37 12.14
CA GLN A 167 -4.72 5.96 10.83
C GLN A 167 -3.82 5.35 9.77
N ARG A 168 -2.62 4.90 10.15
CA ARG A 168 -1.74 4.25 9.18
C ARG A 168 -2.23 2.84 8.85
N ILE A 169 -2.80 2.14 9.83
CA ILE A 169 -3.28 0.78 9.57
C ILE A 169 -4.49 0.81 8.64
N VAL A 170 -5.40 1.76 8.84
CA VAL A 170 -6.59 1.85 7.99
C VAL A 170 -6.19 2.24 6.56
N LYS A 171 -5.31 3.23 6.43
CA LYS A 171 -4.84 3.62 5.11
C LYS A 171 -4.13 2.49 4.39
N GLN A 172 -3.58 1.52 5.12
CA GLN A 172 -3.07 0.31 4.50
C GLN A 172 -4.20 -0.59 4.05
N ALA A 173 -5.24 -0.74 4.89
CA ALA A 173 -6.37 -1.60 4.55
C ALA A 173 -7.17 -1.08 3.36
N MET A 174 -7.10 0.22 3.08
CA MET A 174 -7.82 0.81 1.96
C MET A 174 -7.14 0.56 0.62
N LEU A 175 -5.97 -0.07 0.61
CA LEU A 175 -5.25 -0.32 -0.63
C LEU A 175 -6.10 -1.16 -1.59
N THR A 176 -6.47 -0.55 -2.72
CA THR A 176 -7.26 -1.21 -3.74
C THR A 176 -6.47 -1.56 -4.99
N GLU A 177 -5.56 -0.67 -5.42
CA GLU A 177 -4.90 -0.82 -6.70
C GLU A 177 -3.62 -0.01 -6.70
N ALA A 178 -2.58 -0.54 -7.34
CA ALA A 178 -1.29 0.15 -7.39
C ALA A 178 -0.48 -0.38 -8.56
N ASN A 179 0.17 0.52 -9.28
CA ASN A 179 1.08 0.16 -10.36
C ASN A 179 2.15 1.24 -10.45
N GLY A 180 2.90 1.23 -11.56
CA GLY A 180 3.94 2.23 -11.76
C GLY A 180 3.41 3.63 -11.96
N ASP A 181 2.11 3.80 -12.14
CA ASP A 181 1.51 5.10 -12.41
C ASP A 181 0.86 5.74 -11.17
N TYR A 182 0.11 4.98 -10.39
CA TYR A 182 -0.65 5.56 -9.29
C TYR A 182 -0.90 4.51 -8.21
N ILE A 183 -1.34 5.00 -7.05
CA ILE A 183 -1.84 4.18 -5.96
C ILE A 183 -3.25 4.66 -5.65
N ILE A 184 -4.21 3.72 -5.59
CA ILE A 184 -5.57 4.03 -5.21
C ILE A 184 -5.85 3.40 -3.85
N ARG A 185 -6.11 4.23 -2.85
CA ARG A 185 -6.70 3.80 -1.61
C ARG A 185 -8.14 4.28 -1.59
N ALA A 186 -9.08 3.36 -1.36
CA ALA A 186 -10.49 3.68 -1.53
C ALA A 186 -11.32 2.62 -0.84
N LYS A 187 -12.61 2.91 -0.70
CA LYS A 187 -13.56 1.99 -0.09
C LYS A 187 -14.88 2.07 -0.86
N THR A 188 -15.44 0.91 -1.19
CA THR A 188 -16.72 0.84 -1.88
C THR A 188 -17.87 0.80 -0.87
N GLY A 189 -19.04 1.22 -1.34
CA GLY A 189 -20.25 1.14 -0.54
C GLY A 189 -21.44 0.91 -1.43
N TYR A 190 -22.45 0.24 -0.87
CA TYR A 190 -23.71 0.01 -1.57
C TYR A 190 -24.85 0.16 -0.56
N SER A 191 -25.70 1.16 -0.78
CA SER A 191 -26.81 1.48 0.12
C SER A 191 -28.09 0.92 -0.49
N THR A 192 -28.61 -0.16 0.08
CA THR A 192 -29.78 -0.86 -0.46
C THR A 192 -31.02 -0.83 0.40
N ARG A 193 -30.91 -0.46 1.68
CA ARG A 193 -32.03 -0.68 2.58
C ARG A 193 -33.00 0.50 2.61
N ILE A 194 -32.54 1.71 2.29
CA ILE A 194 -33.35 2.91 2.35
C ILE A 194 -33.17 3.67 1.05
N GLU A 195 -34.27 4.07 0.42
CA GLU A 195 -34.19 4.82 -0.82
C GLU A 195 -33.57 6.20 -0.57
N PRO A 196 -32.82 6.74 -1.54
CA PRO A 196 -32.56 6.16 -2.86
C PRO A 196 -31.35 5.22 -2.87
N LYS A 197 -31.51 4.04 -3.49
CA LYS A 197 -30.43 3.08 -3.56
C LYS A 197 -29.25 3.65 -4.34
N ILE A 198 -28.09 3.77 -3.67
CA ILE A 198 -26.91 4.35 -4.29
C ILE A 198 -25.68 3.50 -3.98
N GLY A 199 -24.70 3.60 -4.87
CA GLY A 199 -23.40 2.99 -4.66
C GLY A 199 -22.33 4.06 -4.51
N TRP A 200 -21.38 3.81 -3.61
CA TRP A 200 -20.31 4.74 -3.27
C TRP A 200 -18.96 4.25 -3.78
N TRP A 201 -18.07 5.20 -4.08
CA TRP A 201 -16.64 4.95 -4.12
C TRP A 201 -15.92 6.21 -3.65
N VAL A 202 -15.27 6.13 -2.49
CA VAL A 202 -14.55 7.25 -1.91
C VAL A 202 -13.13 6.80 -1.62
N GLY A 203 -12.21 7.76 -1.65
CA GLY A 203 -10.80 7.49 -1.42
C GLY A 203 -9.95 8.54 -2.11
N TRP A 204 -8.75 8.14 -2.53
CA TRP A 204 -7.88 9.07 -3.24
C TRP A 204 -6.92 8.32 -4.14
N VAL A 205 -6.27 9.08 -5.03
CA VAL A 205 -5.30 8.58 -5.99
C VAL A 205 -3.97 9.24 -5.66
N GLU A 206 -3.00 8.45 -5.25
CA GLU A 206 -1.66 8.95 -4.94
C GLU A 206 -0.83 9.00 -6.21
N LEU A 207 -0.42 10.19 -6.61
CA LEU A 207 0.53 10.36 -7.71
C LEU A 207 1.93 10.56 -7.12
N ASP A 208 2.90 10.76 -8.01
CA ASP A 208 4.28 10.93 -7.55
C ASP A 208 4.43 12.16 -6.68
N ASP A 209 3.82 13.28 -7.08
CA ASP A 209 4.02 14.55 -6.38
C ASP A 209 2.70 15.26 -6.12
N ASN A 210 1.61 14.50 -5.98
CA ASN A 210 0.29 15.05 -5.68
C ASN A 210 -0.60 13.90 -5.26
N VAL A 211 -1.74 14.25 -4.67
CA VAL A 211 -2.80 13.28 -4.38
C VAL A 211 -4.13 13.91 -4.78
N TRP A 212 -4.98 13.12 -5.42
CA TRP A 212 -6.32 13.54 -5.81
C TRP A 212 -7.32 12.79 -4.95
N PHE A 213 -8.09 13.52 -4.14
CA PHE A 213 -9.16 12.91 -3.37
C PHE A 213 -10.42 12.85 -4.21
N PHE A 214 -11.13 11.73 -4.11
CA PHE A 214 -12.37 11.55 -4.86
C PHE A 214 -13.44 10.92 -3.99
N ALA A 215 -14.67 11.32 -4.23
CA ALA A 215 -15.84 10.70 -3.60
C ALA A 215 -16.99 10.75 -4.59
N MET A 216 -17.48 9.57 -4.98
CA MET A 216 -18.56 9.47 -5.95
C MET A 216 -19.71 8.64 -5.37
N ASN A 217 -20.92 9.00 -5.78
CA ASN A 217 -22.07 8.12 -5.58
C ASN A 217 -22.98 8.23 -6.81
N MET A 218 -23.78 7.19 -7.02
CA MET A 218 -24.60 7.08 -8.21
C MET A 218 -25.82 6.22 -7.91
N ASP A 219 -26.91 6.48 -8.63
CA ASP A 219 -28.11 5.65 -8.51
C ASP A 219 -27.78 4.20 -8.84
N MET A 220 -28.25 3.28 -7.99
CA MET A 220 -27.89 1.86 -8.09
C MET A 220 -29.10 0.99 -7.79
N PRO A 221 -29.99 0.81 -8.76
CA PRO A 221 -31.21 0.02 -8.48
C PRO A 221 -30.97 -1.46 -8.24
N THR A 222 -29.99 -2.06 -8.89
CA THR A 222 -29.62 -3.45 -8.63
C THR A 222 -28.12 -3.56 -8.43
N SER A 223 -27.68 -4.76 -8.01
CA SER A 223 -26.26 -5.03 -7.77
C SER A 223 -25.46 -5.19 -9.05
N ASP A 224 -26.12 -5.33 -10.20
CA ASP A 224 -25.39 -5.65 -11.43
C ASP A 224 -24.55 -4.48 -11.91
N GLY A 225 -24.91 -3.25 -11.53
CA GLY A 225 -24.17 -2.09 -11.97
C GLY A 225 -23.01 -1.69 -11.09
N LEU A 226 -22.68 -2.48 -10.06
CA LEU A 226 -21.70 -2.03 -9.06
C LEU A 226 -20.34 -1.74 -9.67
N GLY A 227 -19.98 -2.44 -10.75
CA GLY A 227 -18.70 -2.18 -11.40
C GLY A 227 -18.56 -0.78 -11.95
N LEU A 228 -19.67 -0.10 -12.20
CA LEU A 228 -19.61 1.26 -12.74
C LEU A 228 -19.07 2.26 -11.75
N ARG A 229 -19.16 1.98 -10.44
CA ARG A 229 -18.58 2.86 -9.44
C ARG A 229 -17.11 3.13 -9.74
N GLN A 230 -16.34 2.06 -9.98
CA GLN A 230 -14.94 2.21 -10.33
C GLN A 230 -14.76 2.59 -11.80
N ALA A 231 -15.60 2.03 -12.68
CA ALA A 231 -15.46 2.29 -14.11
C ALA A 231 -15.68 3.76 -14.44
N ILE A 232 -16.77 4.33 -13.94
CA ILE A 232 -17.09 5.72 -14.27
C ILE A 232 -16.09 6.66 -13.63
N THR A 233 -15.69 6.39 -12.39
CA THR A 233 -14.68 7.21 -11.73
C THR A 233 -13.39 7.25 -12.54
N LYS A 234 -12.90 6.08 -12.98
CA LYS A 234 -11.68 6.04 -13.76
C LYS A 234 -11.81 6.76 -15.09
N GLU A 235 -13.01 6.74 -15.69
CA GLU A 235 -13.22 7.52 -16.91
C GLU A 235 -13.07 9.01 -16.63
N VAL A 236 -13.54 9.46 -15.47
CA VAL A 236 -13.35 10.86 -15.09
C VAL A 236 -11.88 11.14 -14.81
N LEU A 237 -11.19 10.22 -14.15
CA LEU A 237 -9.76 10.41 -13.89
C LEU A 237 -8.96 10.43 -15.18
N LYS A 238 -9.38 9.63 -16.17
CA LYS A 238 -8.70 9.65 -17.45
C LYS A 238 -8.98 10.95 -18.21
N GLN A 239 -10.19 11.50 -18.09
CA GLN A 239 -10.52 12.72 -18.80
C GLN A 239 -9.74 13.92 -18.27
N GLU A 240 -9.45 13.95 -16.97
CA GLU A 240 -8.66 15.01 -16.39
C GLU A 240 -7.16 14.71 -16.43
N LYS A 241 -6.76 13.65 -17.14
CA LYS A 241 -5.36 13.27 -17.31
C LYS A 241 -4.66 13.06 -15.97
N ILE A 242 -5.42 12.57 -14.98
CA ILE A 242 -4.82 12.19 -13.70
C ILE A 242 -4.18 10.81 -13.79
N ILE A 243 -4.95 9.83 -14.26
CA ILE A 243 -4.40 8.50 -14.54
C ILE A 243 -4.35 8.35 -16.05
N PRO A 244 -3.40 7.58 -16.60
CA PRO A 244 -3.39 7.34 -18.05
C PRO A 244 -4.43 6.32 -18.48
N MET B 3 13.44 -27.65 6.03
CA MET B 3 13.28 -26.20 6.01
C MET B 3 13.39 -25.67 4.57
N TRP B 4 14.50 -25.96 3.90
CA TRP B 4 14.72 -25.59 2.51
C TRP B 4 14.60 -26.80 1.61
N GLN B 5 14.29 -26.55 0.33
CA GLN B 5 14.35 -27.60 -0.67
C GLN B 5 14.54 -26.99 -2.05
N GLU B 6 15.34 -27.68 -2.87
CA GLU B 6 15.76 -27.19 -4.17
C GLU B 6 14.79 -27.67 -5.25
N ASN B 7 14.44 -26.74 -6.15
CA ASN B 7 13.49 -26.97 -7.24
C ASN B 7 14.14 -26.41 -8.51
N LYS B 8 15.08 -27.17 -9.07
CA LYS B 8 15.86 -26.68 -10.20
C LYS B 8 15.05 -26.58 -11.47
N SER B 9 13.75 -26.85 -11.42
CA SER B 9 12.86 -26.60 -12.55
C SER B 9 12.85 -25.14 -12.99
N TRP B 10 13.22 -24.23 -12.10
CA TRP B 10 13.10 -22.80 -12.39
C TRP B 10 14.21 -22.30 -13.31
N ASN B 11 15.35 -22.98 -13.38
CA ASN B 11 16.47 -22.54 -14.21
C ASN B 11 16.07 -22.36 -15.68
N ALA B 12 15.03 -23.07 -16.12
CA ALA B 12 14.53 -22.87 -17.49
C ALA B 12 13.97 -21.46 -17.69
N HIS B 13 13.57 -20.78 -16.61
CA HIS B 13 13.16 -19.38 -16.73
C HIS B 13 14.33 -18.43 -16.86
N PHE B 14 15.52 -18.84 -16.41
CA PHE B 14 16.72 -18.03 -16.55
C PHE B 14 17.41 -18.27 -17.89
N THR B 15 17.63 -19.54 -18.25
CA THR B 15 18.31 -19.86 -19.50
C THR B 15 17.47 -19.43 -20.70
N GLU B 16 16.15 -19.33 -20.54
CA GLU B 16 15.30 -18.85 -21.61
C GLU B 16 15.67 -17.42 -22.03
N HIS B 17 16.21 -16.63 -21.10
CA HIS B 17 16.60 -15.26 -21.38
C HIS B 17 18.11 -15.09 -21.33
N LYS B 18 18.86 -16.18 -21.48
CA LYS B 18 20.30 -16.15 -21.72
C LYS B 18 21.09 -15.66 -20.50
N SER B 19 20.61 -15.95 -19.29
CA SER B 19 21.28 -15.46 -18.09
C SER B 19 21.15 -16.49 -16.97
N GLN B 20 21.82 -16.19 -15.85
CA GLN B 20 21.91 -17.06 -14.68
C GLN B 20 21.42 -16.27 -13.47
N GLY B 21 20.98 -17.00 -12.45
CA GLY B 21 20.54 -16.32 -11.24
C GLY B 21 19.91 -17.29 -10.26
N VAL B 22 19.44 -16.72 -9.16
CA VAL B 22 18.75 -17.44 -8.10
C VAL B 22 17.45 -16.72 -7.76
N VAL B 23 16.43 -17.50 -7.43
CA VAL B 23 15.18 -17.01 -6.86
C VAL B 23 14.89 -17.83 -5.60
N VAL B 24 14.59 -17.15 -4.50
CA VAL B 24 14.36 -17.81 -3.22
C VAL B 24 12.98 -17.41 -2.72
N LEU B 25 12.15 -18.41 -2.42
CA LEU B 25 10.80 -18.21 -1.92
C LEU B 25 10.71 -18.70 -0.48
N TRP B 26 9.78 -18.13 0.28
CA TRP B 26 9.56 -18.54 1.67
C TRP B 26 8.08 -18.45 1.98
N ASN B 27 7.45 -19.61 2.23
CA ASN B 27 6.05 -19.70 2.58
C ASN B 27 5.90 -19.45 4.08
N GLU B 28 5.29 -18.31 4.44
CA GLU B 28 5.22 -17.93 5.85
C GLU B 28 4.35 -18.90 6.65
N ASN B 29 3.17 -19.22 6.14
CA ASN B 29 2.27 -20.13 6.85
C ASN B 29 2.92 -21.49 7.08
N LYS B 30 3.39 -22.12 5.99
CA LYS B 30 3.96 -23.45 6.07
C LYS B 30 5.39 -23.46 6.61
N GLN B 31 6.05 -22.31 6.68
CA GLN B 31 7.43 -22.21 7.16
C GLN B 31 8.37 -23.11 6.35
N GLN B 32 8.26 -23.02 5.02
CA GLN B 32 9.06 -23.81 4.11
C GLN B 32 9.67 -22.91 3.05
N GLY B 33 10.91 -23.22 2.67
CA GLY B 33 11.64 -22.42 1.70
C GLY B 33 11.92 -23.20 0.42
N PHE B 34 12.06 -22.46 -0.68
CA PHE B 34 12.28 -23.05 -1.99
C PHE B 34 13.27 -22.19 -2.76
N THR B 35 14.03 -22.85 -3.65
CA THR B 35 15.00 -22.15 -4.48
C THR B 35 15.41 -23.06 -5.62
N ASN B 36 16.04 -22.46 -6.63
CA ASN B 36 16.55 -23.19 -7.78
C ASN B 36 18.05 -23.47 -7.69
N ASN B 37 18.70 -23.00 -6.63
CA ASN B 37 20.14 -23.08 -6.49
C ASN B 37 20.53 -22.67 -5.08
N LEU B 38 20.62 -23.64 -4.16
CA LEU B 38 20.85 -23.28 -2.76
C LEU B 38 22.22 -22.65 -2.55
N LYS B 39 23.19 -22.94 -3.42
CA LYS B 39 24.51 -22.36 -3.24
C LYS B 39 24.51 -20.86 -3.56
N ARG B 40 23.95 -20.49 -4.72
CA ARG B 40 23.81 -19.08 -5.02
C ARG B 40 22.86 -18.39 -4.06
N ALA B 41 21.86 -19.13 -3.57
CA ALA B 41 20.92 -18.58 -2.60
C ALA B 41 21.63 -18.08 -1.35
N ASN B 42 22.74 -18.72 -0.97
CA ASN B 42 23.52 -18.32 0.19
C ASN B 42 24.75 -17.50 -0.17
N GLN B 43 24.94 -17.19 -1.45
CA GLN B 43 26.06 -16.35 -1.86
C GLN B 43 25.74 -14.89 -1.60
N ALA B 44 26.68 -14.19 -0.97
CA ALA B 44 26.46 -12.82 -0.51
C ALA B 44 27.12 -11.84 -1.48
N PHE B 45 26.31 -10.92 -2.01
CA PHE B 45 26.76 -9.87 -2.90
C PHE B 45 26.53 -8.51 -2.25
N LEU B 46 27.03 -7.48 -2.92
CA LEU B 46 26.66 -6.12 -2.58
C LEU B 46 25.13 -5.97 -2.66
N PRO B 47 24.49 -5.34 -1.68
CA PRO B 47 23.03 -5.21 -1.73
C PRO B 47 22.56 -4.22 -2.78
N ALA B 48 23.45 -3.33 -3.25
CA ALA B 48 23.07 -2.23 -4.11
C ALA B 48 21.87 -1.50 -3.52
N SER B 49 20.96 -1.00 -4.36
CA SER B 49 19.87 -0.18 -3.85
C SER B 49 18.81 -0.96 -3.08
N THR B 50 18.94 -2.29 -2.94
CA THR B 50 18.09 -2.93 -1.93
C THR B 50 18.51 -2.59 -0.51
N PHE B 51 19.55 -1.78 -0.36
CA PHE B 51 19.95 -1.28 0.94
C PHE B 51 19.08 -0.10 1.34
N KCX B 52 18.23 0.36 0.43
CA KCX B 52 17.36 1.48 0.74
CB KCX B 52 16.72 2.02 -0.53
CG KCX B 52 17.69 2.83 -1.36
CD KCX B 52 17.07 3.43 -2.60
CE KCX B 52 18.05 4.38 -3.30
NZ KCX B 52 19.25 3.69 -3.87
C KCX B 52 16.30 1.09 1.76
O KCX B 52 15.72 1.94 2.43
CX KCX B 52 20.40 3.61 -3.21
OQ1 KCX B 52 20.50 4.11 -2.07
OQ2 KCX B 52 21.36 3.03 -3.71
N ILE B 53 16.05 -0.22 1.91
CA ILE B 53 15.10 -0.67 2.91
C ILE B 53 15.66 -0.42 4.32
N PRO B 54 16.85 -0.94 4.67
CA PRO B 54 17.40 -0.62 5.99
C PRO B 54 17.82 0.83 6.13
N ASN B 55 18.35 1.45 5.06
CA ASN B 55 18.69 2.87 5.12
C ASN B 55 17.49 3.71 5.49
N SER B 56 16.32 3.41 4.92
CA SER B 56 15.12 4.19 5.21
C SER B 56 14.68 4.02 6.65
N LEU B 57 14.77 2.80 7.19
CA LEU B 57 14.42 2.56 8.58
C LEU B 57 15.31 3.38 9.52
N ILE B 58 16.62 3.35 9.28
CA ILE B 58 17.55 4.07 10.14
C ILE B 58 17.30 5.58 10.06
N ALA B 59 17.12 6.10 8.85
CA ALA B 59 16.90 7.53 8.69
C ALA B 59 15.58 7.98 9.29
N LEU B 60 14.55 7.14 9.23
CA LEU B 60 13.26 7.49 9.82
C LEU B 60 13.34 7.44 11.34
N ASP B 61 13.96 6.39 11.89
CA ASP B 61 14.05 6.24 13.33
C ASP B 61 14.89 7.35 13.96
N LEU B 62 15.85 7.88 13.22
CA LEU B 62 16.75 8.91 13.73
C LEU B 62 16.30 10.32 13.39
N GLY B 63 15.11 10.47 12.80
CA GLY B 63 14.63 11.81 12.48
C GLY B 63 15.30 12.47 11.31
N VAL B 64 16.21 11.77 10.62
CA VAL B 64 16.78 12.29 9.38
C VAL B 64 15.68 12.55 8.36
N VAL B 65 14.70 11.66 8.32
CA VAL B 65 13.51 11.80 7.47
C VAL B 65 12.30 11.90 8.37
N LYS B 66 11.54 12.99 8.24
CA LYS B 66 10.42 13.21 9.13
C LYS B 66 9.23 12.32 8.79
N ASP B 67 8.88 12.21 7.52
CA ASP B 67 7.81 11.32 7.10
C ASP B 67 7.91 11.08 5.60
N GLU B 68 6.96 10.28 5.09
CA GLU B 68 6.88 9.94 3.67
C GLU B 68 6.51 11.12 2.79
N HIS B 69 6.14 12.26 3.37
CA HIS B 69 5.75 13.44 2.61
C HIS B 69 6.83 14.50 2.52
N GLN B 70 7.85 14.44 3.37
CA GLN B 70 8.91 15.44 3.33
C GLN B 70 9.59 15.44 1.97
N VAL B 71 9.78 16.63 1.42
CA VAL B 71 10.37 16.79 0.10
C VAL B 71 11.87 16.99 0.24
N PHE B 72 12.65 16.31 -0.58
CA PHE B 72 14.10 16.46 -0.61
C PHE B 72 14.46 17.05 -1.97
N LYS B 73 14.90 18.31 -1.95
CA LYS B 73 15.09 19.06 -3.18
C LYS B 73 16.27 18.52 -3.98
N TRP B 74 16.08 18.45 -5.30
CA TRP B 74 17.16 18.13 -6.21
C TRP B 74 18.33 19.09 -6.02
N ASP B 75 19.55 18.58 -6.13
CA ASP B 75 20.74 19.38 -5.86
C ASP B 75 21.25 20.13 -7.09
N GLY B 76 20.61 19.98 -8.25
CA GLY B 76 20.94 20.72 -9.44
C GLY B 76 21.85 19.99 -10.41
N GLN B 77 22.66 19.05 -9.93
CA GLN B 77 23.57 18.33 -10.81
C GLN B 77 22.78 17.30 -11.62
N THR B 78 22.78 17.46 -12.95
CA THR B 78 22.00 16.61 -13.83
C THR B 78 22.73 15.29 -14.05
N ARG B 79 22.15 14.20 -13.54
CA ARG B 79 22.77 12.89 -13.63
C ARG B 79 22.10 12.07 -14.75
N ASP B 80 22.62 10.86 -14.95
CA ASP B 80 22.32 10.08 -16.15
C ASP B 80 20.93 9.46 -16.14
N ILE B 81 20.31 9.29 -14.98
CA ILE B 81 18.97 8.73 -14.88
C ILE B 81 18.01 9.89 -14.69
N ALA B 82 17.21 10.17 -15.73
CA ALA B 82 16.40 11.39 -15.77
C ALA B 82 15.56 11.55 -14.51
N THR B 83 14.97 10.45 -14.03
CA THR B 83 14.07 10.53 -12.88
C THR B 83 14.75 11.03 -11.62
N TRP B 84 16.09 11.01 -11.57
CA TRP B 84 16.81 11.51 -10.41
C TRP B 84 16.91 13.03 -10.38
N ASN B 85 16.66 13.70 -11.50
CA ASN B 85 16.87 15.15 -11.61
C ASN B 85 15.57 15.90 -11.32
N ARG B 86 15.03 15.66 -10.13
CA ARG B 86 13.82 16.34 -9.68
C ARG B 86 13.66 16.10 -8.19
N ASP B 87 12.75 16.86 -7.58
CA ASP B 87 12.47 16.70 -6.17
C ASP B 87 11.81 15.34 -5.91
N HIS B 88 11.97 14.84 -4.69
CA HIS B 88 11.49 13.52 -4.33
C HIS B 88 11.13 13.49 -2.85
N ASN B 89 10.26 12.55 -2.50
CA ASN B 89 10.03 12.14 -1.12
C ASN B 89 10.45 10.68 -0.99
N LEU B 90 10.26 10.12 0.21
CA LEU B 90 10.68 8.74 0.46
C LEU B 90 9.99 7.78 -0.49
N ILE B 91 8.70 7.98 -0.75
CA ILE B 91 7.95 7.11 -1.65
C ILE B 91 8.61 7.06 -3.02
N THR B 92 8.78 8.22 -3.65
CA THR B 92 9.35 8.25 -5.00
C THR B 92 10.84 8.02 -5.00
N ALA B 93 11.56 8.47 -3.97
CA ALA B 93 13.00 8.21 -3.91
C ALA B 93 13.31 6.72 -3.88
N MET B 94 12.40 5.92 -3.30
CA MET B 94 12.60 4.47 -3.33
C MET B 94 12.15 3.87 -4.65
N LYS B 95 11.04 4.38 -5.20
CA LYS B 95 10.51 3.86 -6.46
C LYS B 95 11.53 3.96 -7.59
N TYR B 96 12.25 5.09 -7.65
CA TYR B 96 13.18 5.34 -8.72
C TYR B 96 14.64 5.11 -8.31
N SER B 97 14.87 4.58 -7.11
CA SER B 97 16.22 4.29 -6.61
C SER B 97 17.13 5.50 -6.73
N VAL B 98 16.66 6.63 -6.20
CA VAL B 98 17.41 7.88 -6.29
C VAL B 98 18.55 7.86 -5.29
N VAL B 99 19.73 7.47 -5.76
CA VAL B 99 20.90 7.36 -4.87
C VAL B 99 21.27 8.68 -4.20
N PRO B 100 21.32 9.83 -4.91
CA PRO B 100 21.76 11.06 -4.22
C PRO B 100 20.94 11.38 -2.99
N VAL B 101 19.63 11.12 -3.04
CA VAL B 101 18.78 11.37 -1.88
C VAL B 101 19.21 10.50 -0.71
N TYR B 102 19.50 9.23 -0.99
CA TYR B 102 19.88 8.33 0.10
C TYR B 102 21.33 8.53 0.52
N GLN B 103 22.16 9.07 -0.37
CA GLN B 103 23.53 9.41 0.01
C GLN B 103 23.55 10.52 1.04
N GLU B 104 22.60 11.46 0.96
CA GLU B 104 22.48 12.49 2.00
C GLU B 104 22.00 11.88 3.31
N PHE B 105 21.01 10.99 3.24
CA PHE B 105 20.56 10.27 4.44
C PHE B 105 21.74 9.63 5.16
N ALA B 106 22.55 8.87 4.41
CA ALA B 106 23.67 8.16 5.01
C ALA B 106 24.67 9.11 5.65
N ARG B 107 24.98 10.22 4.95
CA ARG B 107 25.93 11.18 5.48
C ARG B 107 25.46 11.76 6.81
N GLN B 108 24.15 11.98 6.95
CA GLN B 108 23.63 12.51 8.20
C GLN B 108 23.49 11.43 9.27
N ILE B 109 23.21 10.18 8.87
CA ILE B 109 23.23 9.08 9.82
C ILE B 109 24.62 8.89 10.38
N GLY B 110 25.62 8.88 9.50
CA GLY B 110 27.00 8.79 9.90
C GLY B 110 27.47 7.37 10.14
N GLU B 111 28.78 7.19 10.13
CA GLU B 111 29.36 5.85 10.16
C GLU B 111 29.02 5.13 11.47
N ALA B 112 29.12 5.84 12.59
CA ALA B 112 28.97 5.17 13.89
C ALA B 112 27.57 4.61 14.05
N ARG B 113 26.55 5.43 13.80
CA ARG B 113 25.17 4.96 13.98
C ARG B 113 24.77 3.97 12.90
N MET B 114 25.25 4.17 11.67
CA MET B 114 24.98 3.19 10.62
C MET B 114 25.48 1.80 11.00
N SER B 115 26.68 1.73 11.59
CA SER B 115 27.28 0.45 11.91
C SER B 115 26.61 -0.21 13.11
N LYS B 116 26.19 0.58 14.10
CA LYS B 116 25.44 0.00 15.22
C LYS B 116 24.08 -0.49 14.77
N MET B 117 23.43 0.27 13.89
CA MET B 117 22.10 -0.13 13.42
C MET B 117 22.16 -1.40 12.58
N LEU B 118 23.18 -1.52 11.73
CA LEU B 118 23.29 -2.72 10.92
C LEU B 118 23.55 -3.95 11.78
N HIS B 119 24.31 -3.78 12.87
CA HIS B 119 24.48 -4.88 13.81
C HIS B 119 23.16 -5.23 14.49
N ALA B 120 22.37 -4.22 14.84
CA ALA B 120 21.07 -4.47 15.46
C ALA B 120 20.11 -5.15 14.49
N PHE B 121 20.21 -4.83 13.20
CA PHE B 121 19.36 -5.47 12.19
C PHE B 121 19.82 -6.87 11.82
N ASP B 122 21.02 -7.27 12.22
CA ASP B 122 21.59 -8.56 11.84
C ASP B 122 21.77 -8.66 10.33
N TYR B 123 22.06 -7.52 9.70
CA TYR B 123 21.96 -7.34 8.26
C TYR B 123 23.25 -7.78 7.58
N GLY B 124 23.19 -8.89 6.85
CA GLY B 124 24.33 -9.36 6.08
C GLY B 124 25.56 -9.56 6.95
N ASN B 125 26.71 -9.18 6.41
CA ASN B 125 27.96 -9.25 7.15
C ASN B 125 28.21 -8.01 8.02
N GLU B 126 27.24 -7.10 8.09
CA GLU B 126 27.23 -5.98 9.04
C GLU B 126 28.44 -5.06 8.89
N ASP B 127 29.09 -5.06 7.74
CA ASP B 127 30.33 -4.33 7.52
C ASP B 127 30.07 -3.14 6.61
N ILE B 128 30.37 -1.94 7.09
CA ILE B 128 30.11 -0.73 6.31
C ILE B 128 31.43 -0.09 5.85
N SER B 129 32.46 -0.90 5.67
CA SER B 129 33.76 -0.36 5.27
C SER B 129 33.66 0.26 3.88
N GLY B 130 34.39 1.35 3.70
CA GLY B 130 34.19 2.24 2.57
C GLY B 130 33.50 3.52 3.00
N ASN B 131 33.11 4.30 2.00
CA ASN B 131 32.41 5.55 2.29
C ASN B 131 31.04 5.26 2.88
N VAL B 132 30.64 6.06 3.87
CA VAL B 132 29.31 5.89 4.45
C VAL B 132 28.22 6.23 3.45
N ASP B 133 28.55 6.96 2.39
CA ASP B 133 27.58 7.37 1.38
C ASP B 133 27.65 6.51 0.11
N SER B 134 28.34 5.38 0.14
CA SER B 134 28.38 4.54 -1.05
C SER B 134 28.76 3.09 -0.78
N PHE B 135 28.83 2.70 0.50
CA PHE B 135 29.35 1.36 0.80
C PHE B 135 28.42 0.26 0.28
N TRP B 136 27.12 0.51 0.21
CA TRP B 136 26.22 -0.50 -0.35
C TRP B 136 26.36 -0.63 -1.86
N LEU B 137 27.12 0.25 -2.51
CA LEU B 137 27.37 0.17 -3.94
C LEU B 137 28.81 -0.21 -4.28
N ASP B 138 29.80 0.18 -3.47
CA ASP B 138 31.17 -0.20 -3.77
C ASP B 138 32.03 -0.43 -2.52
N GLY B 139 31.42 -0.67 -1.37
CA GLY B 139 32.13 -0.93 -0.14
C GLY B 139 32.18 -2.41 0.20
N GLY B 140 32.20 -2.70 1.51
CA GLY B 140 32.38 -4.05 2.00
C GLY B 140 31.13 -4.78 2.45
N ILE B 141 29.98 -4.13 2.45
CA ILE B 141 28.76 -4.80 2.88
C ILE B 141 28.39 -5.91 1.91
N ARG B 142 28.00 -7.06 2.45
CA ARG B 142 27.63 -8.22 1.65
C ARG B 142 26.44 -8.90 2.31
N ILE B 143 25.49 -9.34 1.50
CA ILE B 143 24.29 -9.99 2.01
C ILE B 143 23.81 -11.01 0.98
N SER B 144 23.34 -12.15 1.46
CA SER B 144 22.85 -13.22 0.60
C SER B 144 21.34 -13.13 0.43
N ALA B 145 20.83 -13.91 -0.52
CA ALA B 145 19.39 -13.94 -0.76
C ALA B 145 18.64 -14.42 0.47
N THR B 146 19.10 -15.53 1.07
CA THR B 146 18.45 -16.01 2.28
C THR B 146 18.59 -15.02 3.43
N GLU B 147 19.69 -14.28 3.48
CA GLU B 147 19.83 -13.25 4.52
C GLU B 147 18.86 -12.09 4.29
N GLN B 148 18.54 -11.78 3.04
CA GLN B 148 17.51 -10.77 2.78
C GLN B 148 16.16 -11.22 3.33
N ILE B 149 15.86 -12.51 3.19
CA ILE B 149 14.54 -13.02 3.62
C ILE B 149 14.42 -12.97 5.13
N SER B 150 15.50 -13.30 5.84
CA SER B 150 15.51 -13.12 7.29
C SER B 150 15.24 -11.67 7.67
N PHE B 151 15.93 -10.74 6.99
CA PHE B 151 15.70 -9.32 7.26
C PHE B 151 14.26 -8.93 6.95
N LEU B 152 13.76 -9.33 5.78
CA LEU B 152 12.41 -8.93 5.38
C LEU B 152 11.35 -9.51 6.31
N ARG B 153 11.55 -10.73 6.80
CA ARG B 153 10.59 -11.33 7.72
C ARG B 153 10.46 -10.50 8.99
N LYS B 154 11.59 -10.05 9.55
CA LYS B 154 11.56 -9.19 10.73
C LYS B 154 10.82 -7.89 10.42
N LEU B 155 11.08 -7.31 9.24
CA LEU B 155 10.41 -6.07 8.86
C LEU B 155 8.90 -6.28 8.76
N TYR B 156 8.48 -7.38 8.12
CA TYR B 156 7.05 -7.64 8.00
C TYR B 156 6.39 -7.78 9.37
N HIS B 157 7.10 -8.32 10.34
CA HIS B 157 6.56 -8.59 11.66
C HIS B 157 6.83 -7.47 12.67
N ASN B 158 7.43 -6.36 12.25
CA ASN B 158 7.67 -5.19 13.10
C ASN B 158 8.62 -5.51 14.25
N LYS B 159 9.48 -6.51 14.11
CA LYS B 159 10.38 -6.88 15.19
C LYS B 159 11.83 -6.49 14.91
N LEU B 160 12.08 -5.74 13.85
CA LEU B 160 13.36 -5.05 13.71
C LEU B 160 13.51 -4.02 14.83
N HIS B 161 14.76 -3.69 15.15
CA HIS B 161 15.04 -2.88 16.34
C HIS B 161 14.94 -1.38 16.02
N VAL B 162 13.79 -1.00 15.50
CA VAL B 162 13.37 0.39 15.40
C VAL B 162 11.90 0.46 15.81
N SER B 163 11.33 1.66 15.78
CA SER B 163 9.95 1.83 16.17
C SER B 163 9.02 1.15 15.17
N GLU B 164 7.81 0.81 15.64
CA GLU B 164 6.79 0.27 14.75
C GLU B 164 6.40 1.30 13.68
N ARG B 165 6.45 2.59 14.03
CA ARG B 165 6.13 3.63 13.06
C ARG B 165 7.08 3.60 11.88
N SER B 166 8.39 3.55 12.15
CA SER B 166 9.37 3.55 11.07
C SER B 166 9.19 2.33 10.16
N GLN B 167 8.84 1.18 10.74
CA GLN B 167 8.71 -0.03 9.93
C GLN B 167 7.46 0.02 9.06
N ARG B 168 6.36 0.57 9.58
CA ARG B 168 5.14 0.70 8.77
C ARG B 168 5.36 1.65 7.60
N ILE B 169 6.11 2.73 7.81
CA ILE B 169 6.35 3.69 6.74
C ILE B 169 7.18 3.05 5.63
N VAL B 170 8.25 2.36 6.02
CA VAL B 170 9.10 1.72 5.02
C VAL B 170 8.32 0.65 4.26
N LYS B 171 7.47 -0.10 4.96
CA LYS B 171 6.64 -1.08 4.27
C LYS B 171 5.63 -0.40 3.35
N GLN B 172 5.23 0.82 3.66
CA GLN B 172 4.39 1.59 2.74
C GLN B 172 5.19 1.99 1.50
N ALA B 173 6.39 2.52 1.71
CA ALA B 173 7.22 2.98 0.59
C ALA B 173 7.68 1.84 -0.31
N MET B 174 7.69 0.60 0.20
CA MET B 174 8.05 -0.55 -0.60
C MET B 174 6.95 -0.97 -1.57
N LEU B 175 5.74 -0.40 -1.43
CA LEU B 175 4.63 -0.79 -2.28
C LEU B 175 4.99 -0.65 -3.75
N THR B 176 4.92 -1.77 -4.47
CA THR B 176 5.23 -1.82 -5.88
C THR B 176 4.02 -2.07 -6.75
N GLU B 177 3.13 -2.97 -6.33
CA GLU B 177 2.05 -3.44 -7.18
C GLU B 177 0.94 -4.02 -6.31
N ALA B 178 -0.30 -3.78 -6.72
CA ALA B 178 -1.45 -4.28 -5.95
C ALA B 178 -2.66 -4.34 -6.86
N ASN B 179 -3.38 -5.46 -6.79
CA ASN B 179 -4.65 -5.62 -7.49
C ASN B 179 -5.54 -6.50 -6.63
N GLY B 180 -6.64 -7.00 -7.22
CA GLY B 180 -7.53 -7.87 -6.49
C GLY B 180 -6.94 -9.22 -6.11
N ASP B 181 -5.77 -9.57 -6.65
CA ASP B 181 -5.19 -10.89 -6.44
C ASP B 181 -4.00 -10.92 -5.49
N TYR B 182 -3.22 -9.83 -5.40
CA TYR B 182 -2.04 -9.83 -4.53
C TYR B 182 -1.56 -8.41 -4.35
N ILE B 183 -0.62 -8.25 -3.42
CA ILE B 183 0.12 -7.01 -3.19
C ILE B 183 1.60 -7.37 -3.16
N ILE B 184 2.42 -6.64 -3.90
CA ILE B 184 3.87 -6.82 -3.87
C ILE B 184 4.50 -5.60 -3.21
N ARG B 185 5.24 -5.85 -2.12
CA ARG B 185 6.12 -4.86 -1.52
C ARG B 185 7.54 -5.35 -1.75
N ALA B 186 8.30 -4.63 -2.57
CA ALA B 186 9.62 -5.08 -2.97
C ALA B 186 10.55 -3.88 -3.14
N LYS B 187 11.81 -4.18 -3.43
CA LYS B 187 12.81 -3.16 -3.73
C LYS B 187 13.79 -3.71 -4.75
N THR B 188 14.05 -2.95 -5.81
CA THR B 188 14.98 -3.31 -6.86
C THR B 188 16.40 -2.95 -6.47
N GLY B 189 17.36 -3.50 -7.20
CA GLY B 189 18.76 -3.19 -6.98
C GLY B 189 19.57 -3.58 -8.19
N TYR B 190 20.54 -2.72 -8.52
CA TYR B 190 21.48 -2.97 -9.61
C TYR B 190 22.88 -2.65 -9.10
N SER B 191 23.69 -3.69 -8.91
CA SER B 191 25.09 -3.56 -8.51
C SER B 191 25.96 -3.56 -9.75
N THR B 192 26.58 -2.41 -10.06
CA THR B 192 27.41 -2.29 -11.27
C THR B 192 28.79 -1.68 -11.05
N ARG B 193 29.19 -1.40 -9.80
CA ARG B 193 30.50 -0.81 -9.56
C ARG B 193 31.58 -1.83 -9.26
N ILE B 194 31.21 -3.02 -8.78
CA ILE B 194 32.15 -4.09 -8.47
C ILE B 194 31.61 -5.38 -9.06
N GLU B 195 32.48 -6.14 -9.73
CA GLU B 195 32.05 -7.40 -10.32
C GLU B 195 31.76 -8.43 -9.23
N PRO B 196 30.79 -9.33 -9.44
CA PRO B 196 29.98 -9.45 -10.66
C PRO B 196 28.79 -8.51 -10.68
N LYS B 197 28.54 -7.88 -11.83
CA LYS B 197 27.37 -7.03 -11.97
C LYS B 197 26.10 -7.87 -11.89
N ILE B 198 25.28 -7.62 -10.86
CA ILE B 198 24.08 -8.41 -10.62
C ILE B 198 22.90 -7.49 -10.34
N GLY B 199 21.71 -8.04 -10.54
CA GLY B 199 20.46 -7.32 -10.30
C GLY B 199 19.67 -8.00 -9.19
N TRP B 200 19.13 -7.19 -8.28
CA TRP B 200 18.37 -7.66 -7.15
C TRP B 200 16.89 -7.35 -7.31
N TRP B 201 16.06 -8.23 -6.74
CA TRP B 201 14.66 -7.91 -6.44
C TRP B 201 14.28 -8.69 -5.20
N VAL B 202 13.99 -7.99 -4.11
CA VAL B 202 13.66 -8.60 -2.82
C VAL B 202 12.37 -7.98 -2.31
N GLY B 203 11.55 -8.81 -1.67
CA GLY B 203 10.29 -8.32 -1.12
C GLY B 203 9.42 -9.47 -0.66
N TRP B 204 8.11 -9.27 -0.77
CA TRP B 204 7.15 -10.31 -0.42
C TRP B 204 5.84 -10.05 -1.14
N VAL B 205 5.00 -11.08 -1.15
CA VAL B 205 3.71 -11.07 -1.84
C VAL B 205 2.64 -11.36 -0.81
N GLU B 206 1.85 -10.35 -0.47
CA GLU B 206 0.76 -10.52 0.48
C GLU B 206 -0.44 -11.13 -0.23
N LEU B 207 -0.88 -12.29 0.24
CA LEU B 207 -2.09 -12.93 -0.24
C LEU B 207 -3.21 -12.74 0.78
N ASP B 208 -4.38 -13.30 0.48
CA ASP B 208 -5.50 -13.20 1.40
C ASP B 208 -5.20 -13.93 2.71
N ASP B 209 -4.67 -15.14 2.63
CA ASP B 209 -4.43 -15.98 3.80
C ASP B 209 -2.95 -16.29 4.04
N ASN B 210 -2.03 -15.61 3.35
CA ASN B 210 -0.64 -15.98 3.39
C ASN B 210 0.20 -14.81 2.92
N VAL B 211 1.50 -14.88 3.20
CA VAL B 211 2.48 -14.00 2.58
C VAL B 211 3.67 -14.85 2.15
N TRP B 212 4.20 -14.55 0.96
CA TRP B 212 5.32 -15.25 0.36
C TRP B 212 6.48 -14.28 0.25
N PHE B 213 7.55 -14.50 1.02
CA PHE B 213 8.75 -13.69 0.88
C PHE B 213 9.59 -14.20 -0.28
N PHE B 214 10.19 -13.27 -1.03
CA PHE B 214 11.06 -13.63 -2.13
C PHE B 214 12.30 -12.74 -2.16
N ALA B 215 13.44 -13.35 -2.47
CA ALA B 215 14.67 -12.67 -2.77
C ALA B 215 15.27 -13.31 -4.02
N MET B 216 15.71 -12.48 -4.96
CA MET B 216 16.28 -12.98 -6.20
C MET B 216 17.42 -12.07 -6.64
N ASN B 217 18.44 -12.68 -7.24
CA ASN B 217 19.47 -11.94 -7.95
C ASN B 217 19.87 -12.72 -9.19
N MET B 218 20.51 -12.01 -10.13
CA MET B 218 20.86 -12.57 -11.43
C MET B 218 21.98 -11.75 -12.03
N ASP B 219 22.72 -12.37 -12.95
CA ASP B 219 23.80 -11.68 -13.64
C ASP B 219 23.23 -10.62 -14.58
N MET B 220 23.78 -9.41 -14.50
CA MET B 220 23.28 -8.26 -15.24
C MET B 220 24.45 -7.51 -15.86
N PRO B 221 25.03 -8.05 -16.93
CA PRO B 221 26.19 -7.37 -17.54
C PRO B 221 25.85 -6.02 -18.14
N THR B 222 24.65 -5.85 -18.69
CA THR B 222 24.21 -4.57 -19.22
C THR B 222 22.85 -4.22 -18.63
N SER B 223 22.55 -2.92 -18.62
CA SER B 223 21.28 -2.44 -18.08
C SER B 223 20.09 -2.82 -18.94
N ASP B 224 20.31 -3.43 -20.11
CA ASP B 224 19.20 -3.80 -20.98
C ASP B 224 18.30 -4.84 -20.32
N GLY B 225 18.88 -5.77 -19.57
CA GLY B 225 18.14 -6.86 -19.00
C GLY B 225 17.50 -6.61 -17.65
N LEU B 226 17.42 -5.35 -17.22
CA LEU B 226 16.97 -5.07 -15.86
C LEU B 226 15.53 -5.52 -15.64
N GLY B 227 14.68 -5.41 -16.65
CA GLY B 227 13.29 -5.81 -16.53
C GLY B 227 13.07 -7.29 -16.30
N LEU B 228 14.08 -8.13 -16.52
CA LEU B 228 13.94 -9.55 -16.27
C LEU B 228 14.01 -9.88 -14.79
N ARG B 229 14.41 -8.93 -13.96
CA ARG B 229 14.32 -9.11 -12.52
C ARG B 229 12.90 -9.44 -12.10
N GLN B 230 11.95 -8.56 -12.46
CA GLN B 230 10.55 -8.80 -12.12
C GLN B 230 9.93 -9.88 -13.00
N ALA B 231 10.32 -9.93 -14.28
CA ALA B 231 9.69 -10.88 -15.22
C ALA B 231 9.93 -12.32 -14.79
N ILE B 232 11.18 -12.66 -14.48
CA ILE B 232 11.51 -14.03 -14.11
C ILE B 232 10.88 -14.38 -12.76
N THR B 233 10.92 -13.44 -11.81
CA THR B 233 10.29 -13.68 -10.51
C THR B 233 8.80 -13.97 -10.66
N LYS B 234 8.11 -13.20 -11.50
CA LYS B 234 6.69 -13.44 -11.72
C LYS B 234 6.45 -14.77 -12.42
N GLU B 235 7.37 -15.21 -13.29
CA GLU B 235 7.23 -16.53 -13.90
C GLU B 235 7.29 -17.64 -12.86
N VAL B 236 8.23 -17.53 -11.92
CA VAL B 236 8.32 -18.51 -10.84
C VAL B 236 7.06 -18.48 -10.00
N LEU B 237 6.64 -17.29 -9.59
CA LEU B 237 5.43 -17.16 -8.76
C LEU B 237 4.22 -17.76 -9.45
N LYS B 238 4.10 -17.56 -10.77
CA LYS B 238 3.01 -18.19 -11.52
C LYS B 238 3.14 -19.71 -11.52
N GLN B 239 4.35 -20.21 -11.79
CA GLN B 239 4.54 -21.66 -11.81
C GLN B 239 4.18 -22.31 -10.48
N GLU B 240 4.43 -21.61 -9.38
CA GLU B 240 4.12 -22.14 -8.05
C GLU B 240 2.71 -21.80 -7.59
N LYS B 241 1.83 -21.40 -8.52
CA LYS B 241 0.43 -21.11 -8.21
C LYS B 241 0.30 -20.09 -7.08
N ILE B 242 1.15 -19.07 -7.12
CA ILE B 242 1.16 -18.03 -6.09
C ILE B 242 0.42 -16.79 -6.56
N ILE B 243 0.58 -16.42 -7.82
CA ILE B 243 -0.22 -15.39 -8.45
C ILE B 243 -0.79 -15.98 -9.73
N PRO B 244 -2.01 -15.59 -10.16
CA PRO B 244 -2.48 -16.11 -11.44
C PRO B 244 -1.70 -15.52 -12.61
O31 BIH C . -20.30 -2.52 -2.58
S3 BIH C . -19.92 -3.48 -1.52
O32 BIH C . -19.19 -2.84 -0.46
O3 BIH C . -19.24 -4.63 -2.09
C2 BIH C . -21.43 -4.08 -0.82
C1 BIH C . -22.34 -4.74 -1.63
C BIH C . -23.53 -5.15 -1.11
C8A BIH C . -23.86 -4.90 0.23
C5 BIH C . -25.11 -5.29 0.78
C4A BIH C . -22.93 -4.24 1.06
C4 BIH C . -21.69 -3.83 0.50
C9 BIH C . -23.27 -3.99 2.41
C8 BIH C . -24.47 -4.37 2.92
C7 BIH C . -25.39 -5.01 2.10
S6 BIH C . -26.95 -5.49 2.77
O6 BIH C . -27.37 -6.67 2.06
O61 BIH C . -27.84 -4.36 2.58
O1 BIH C . -26.73 -5.76 4.20
CL CL D . 0.32 0.40 1.73
NA NA E . -7.99 -4.18 1.91
NA NA F . -29.20 1.42 2.88
O31 BIH G . 17.55 -0.64 -9.06
S3 BIH G . 17.38 0.22 -10.23
O32 BIH G . 16.44 1.28 -9.97
O3 BIH G . 17.09 -0.56 -11.42
C2 BIH G . 18.95 1.00 -10.51
C1 BIH G . 19.43 1.10 -11.81
C BIH G . 20.66 1.63 -12.03
C8A BIH G . 21.45 2.10 -10.96
C5 BIH G . 22.75 2.64 -11.16
C4A BIH G . 20.95 2.01 -9.64
C4 BIH G . 19.67 1.45 -9.44
C9 BIH G . 21.76 2.47 -8.58
C8 BIH G . 22.99 2.99 -8.80
C7 BIH G . 23.48 3.08 -10.10
S6 BIH G . 25.09 3.77 -10.36
O6 BIH G . 26.03 2.68 -10.23
O61 BIH G . 25.29 4.77 -9.31
O1 BIH G . 25.06 4.37 -11.68
C1 EDO H . 27.58 9.16 13.24
O1 EDO H . 27.08 7.96 13.85
C2 EDO H . 29.02 9.41 13.62
O2 EDO H . 29.90 8.58 12.84
NA NA I . 10.98 10.10 11.58
NA NA J . 28.27 -6.93 -7.44
#